data_2VZ6
#
_entry.id   2VZ6
#
_cell.length_a   76.244
_cell.length_b   113.621
_cell.length_c   131.868
_cell.angle_alpha   90.00
_cell.angle_beta   90.00
_cell.angle_gamma   90.00
#
_symmetry.space_group_name_H-M   'P 21 21 21'
#
loop_
_entity.id
_entity.type
_entity.pdbx_description
1 polymer 'CALCIUM CALMODULIN DEPENDENT PROTEIN KINASE TYPE II ALPHA CHAIN'
2 non-polymer "(2Z,3E)-2,3'-BIINDOLE-2',3(1H,1'H)-DIONE 3-{O-[(3R)-3,4-DIHYDROXYBUTYL]OXIME}"
3 non-polymer S-1,2-PROPANEDIOL
4 water water
#
_entity_poly.entity_id   1
_entity_poly.type   'polypeptide(L)'
_entity_poly.pdbx_seq_one_letter_code
;MHHHHHHSSGVDLGTENLYFQSMYQLFEELGKGAFSVVRRCVKVLAGQEYAAKIINTKKLSARDHQKLEREARICRLLKH
PNIVRLHDSISEEGHHYLIFDLVTGGELFEDIVAREYYSEADASHCIQQILEAVLHCHQMGVVHRDLKPENLLLASKLKG
AAVKLADFGLAIEVEGEQQAWFGFAGTPGYLSPEVLRKDPYGKPVDLWACGVILYILLVGYPPFWDEDQHRLYQQIKAGA
YDFPSPEWDTVTPEAKDLINKMLTINPSKRITAAEALKHPWISHRSTVASCMHRQETVDCLKKFNARRKLKGA
;
_entity_poly.pdbx_strand_id   A,B
#
# COMPACT_ATOMS: atom_id res chain seq x y z
N LEU A 18 -2.55 45.95 -5.82
CA LEU A 18 -3.41 46.65 -4.82
C LEU A 18 -3.94 45.69 -3.74
N TYR A 19 -4.48 44.55 -4.17
CA TYR A 19 -5.32 43.67 -3.32
C TYR A 19 -4.57 42.54 -2.55
N PHE A 20 -3.55 41.95 -3.16
CA PHE A 20 -2.70 40.95 -2.47
C PHE A 20 -1.85 41.61 -1.37
N GLN A 21 -1.17 42.71 -1.74
CA GLN A 21 -0.34 43.50 -0.80
C GLN A 21 -1.17 44.01 0.40
N SER A 22 -2.49 44.12 0.21
CA SER A 22 -3.45 44.40 1.28
C SER A 22 -3.50 43.32 2.41
N MET A 23 -3.34 42.05 2.04
CA MET A 23 -3.55 40.91 2.94
C MET A 23 -2.29 40.14 3.36
N TYR A 24 -1.30 40.05 2.48
CA TYR A 24 -0.05 39.34 2.79
C TYR A 24 1.15 40.27 2.77
N GLN A 25 2.12 39.97 3.62
CA GLN A 25 3.42 40.63 3.60
C GLN A 25 4.47 39.61 3.18
N LEU A 26 5.28 39.95 2.18
CA LEU A 26 6.27 39.03 1.61
C LEU A 26 7.58 39.21 2.36
N PHE A 27 8.25 38.11 2.66
CA PHE A 27 9.54 38.16 3.33
C PHE A 27 10.52 37.45 2.41
N GLU A 28 11.34 36.55 2.92
CA GLU A 28 12.48 36.06 2.16
C GLU A 28 12.07 35.13 1.04
N GLU A 29 13.01 34.96 0.11
CA GLU A 29 12.88 34.04 -0.99
C GLU A 29 13.28 32.65 -0.54
N LEU A 30 12.51 31.67 -1.02
CA LEU A 30 12.66 30.29 -0.66
C LEU A 30 13.20 29.53 -1.89
N GLY A 31 12.70 29.89 -3.07
CA GLY A 31 13.18 29.30 -4.32
C GLY A 31 12.71 30.05 -5.55
N LYS A 32 12.94 29.44 -6.72
CA LYS A 32 12.57 29.98 -8.05
C LYS A 32 11.73 29.02 -8.93
N PHE A 35 10.65 30.39 -14.29
CA PHE A 35 9.22 30.14 -14.09
C PHE A 35 8.56 31.17 -13.15
N SER A 36 9.07 31.26 -11.93
CA SER A 36 8.37 31.95 -10.84
C SER A 36 9.36 32.34 -9.73
N VAL A 37 8.86 32.86 -8.60
CA VAL A 37 9.59 32.81 -7.31
C VAL A 37 8.63 32.37 -6.20
N VAL A 38 9.19 31.82 -5.12
CA VAL A 38 8.43 31.37 -3.98
C VAL A 38 9.01 32.19 -2.82
N ARG A 39 8.16 32.92 -2.11
CA ARG A 39 8.60 33.65 -0.94
C ARG A 39 7.74 33.32 0.25
N ARG A 40 8.36 33.40 1.42
CA ARG A 40 7.64 33.26 2.64
C ARG A 40 6.78 34.51 2.74
N CYS A 41 5.50 34.33 3.08
CA CYS A 41 4.67 35.47 3.44
C CYS A 41 3.92 35.25 4.75
N VAL A 42 3.49 36.35 5.36
CA VAL A 42 2.58 36.30 6.49
C VAL A 42 1.26 36.93 6.04
N LYS A 43 0.15 36.24 6.31
CA LYS A 43 -1.18 36.87 6.23
C LYS A 43 -1.32 37.72 7.49
N VAL A 44 -1.15 39.04 7.36
CA VAL A 44 -0.83 39.89 8.53
C VAL A 44 -1.83 39.78 9.69
N LEU A 45 -3.10 40.10 9.40
CA LEU A 45 -4.12 40.22 10.44
C LEU A 45 -4.56 38.87 11.00
N ALA A 46 -4.24 37.78 10.30
CA ALA A 46 -4.47 36.41 10.78
C ALA A 46 -3.23 35.86 11.49
N GLY A 47 -2.13 36.63 11.44
CA GLY A 47 -0.85 36.24 12.03
C GLY A 47 -0.34 34.84 11.68
N GLN A 48 -0.58 34.40 10.45
CA GLN A 48 -0.18 33.09 10.02
C GLN A 48 0.71 33.21 8.77
N GLU A 49 1.65 32.25 8.66
CA GLU A 49 2.61 32.21 7.55
C GLU A 49 2.33 31.11 6.50
N TYR A 50 2.69 31.44 5.27
CA TYR A 50 2.52 30.59 4.08
C TYR A 50 3.71 30.80 3.16
N ALA A 51 3.77 29.97 2.13
CA ALA A 51 4.63 30.16 0.97
C ALA A 51 3.78 30.73 -0.18
N ALA A 52 4.20 31.85 -0.77
CA ALA A 52 3.55 32.39 -1.95
C ALA A 52 4.37 32.08 -3.19
N LYS A 53 3.86 31.21 -4.07
CA LYS A 53 4.38 31.08 -5.45
C LYS A 53 3.85 32.26 -6.27
N ILE A 54 4.78 33.11 -6.70
CA ILE A 54 4.51 34.38 -7.37
C ILE A 54 4.92 34.30 -8.85
N ILE A 55 3.92 34.32 -9.73
CA ILE A 55 4.13 34.22 -11.18
C ILE A 55 3.92 35.58 -11.85
N ASN A 56 4.91 36.04 -12.61
CA ASN A 56 4.77 37.25 -13.45
C ASN A 56 3.98 36.93 -14.73
N THR A 57 2.75 37.45 -14.81
CA THR A 57 1.83 37.09 -15.91
C THR A 57 2.03 37.85 -17.28
N LYS A 58 2.93 38.83 -17.33
CA LYS A 58 3.43 39.37 -18.62
C LYS A 58 4.27 38.33 -19.40
N LYS A 59 5.14 37.60 -18.68
CA LYS A 59 5.98 36.53 -19.28
C LYS A 59 5.18 35.24 -19.61
N LEU A 60 3.87 35.40 -19.92
CA LEU A 60 2.95 34.27 -20.15
C LEU A 60 2.04 34.51 -21.39
N SER A 61 1.87 33.45 -22.18
CA SER A 61 0.93 33.49 -23.32
C SER A 61 -0.49 33.36 -22.81
N ALA A 62 -1.43 33.49 -23.73
CA ALA A 62 -2.81 33.07 -23.50
C ALA A 62 -2.82 31.65 -22.90
N ARG A 63 -2.06 30.74 -23.49
CA ARG A 63 -2.10 29.32 -23.09
C ARG A 63 -1.56 29.12 -21.70
N ASP A 64 -0.57 29.92 -21.32
CA ASP A 64 0.05 29.84 -19.99
C ASP A 64 -0.82 30.41 -18.89
N HIS A 65 -1.57 31.47 -19.17
CA HIS A 65 -2.66 31.93 -18.30
C HIS A 65 -3.69 30.87 -18.02
N GLN A 66 -4.15 30.20 -19.07
CA GLN A 66 -5.11 29.08 -18.96
C GLN A 66 -4.57 27.90 -18.17
N LYS A 67 -3.27 27.69 -18.27
CA LYS A 67 -2.60 26.64 -17.52
C LYS A 67 -2.45 26.99 -16.05
N LEU A 68 -2.43 28.27 -15.72
CA LEU A 68 -2.46 28.71 -14.30
C LEU A 68 -3.79 28.36 -13.62
N GLU A 69 -4.89 28.51 -14.34
CA GLU A 69 -6.21 28.14 -13.83
C GLU A 69 -6.33 26.62 -13.60
N ARG A 70 -5.69 25.84 -14.46
CA ARG A 70 -5.58 24.39 -14.29
C ARG A 70 -4.66 24.06 -13.10
N GLU A 71 -3.53 24.76 -12.98
CA GLU A 71 -2.64 24.56 -11.85
C GLU A 71 -3.35 24.82 -10.54
N ALA A 72 -4.08 25.92 -10.44
CA ALA A 72 -4.86 26.27 -9.27
C ALA A 72 -5.89 25.18 -8.97
N ARG A 73 -6.55 24.71 -10.02
CA ARG A 73 -7.56 23.65 -9.92
C ARG A 73 -6.99 22.33 -9.37
N ILE A 74 -5.89 21.90 -9.98
CA ILE A 74 -5.16 20.69 -9.59
C ILE A 74 -4.76 20.75 -8.12
N CYS A 75 -4.08 21.80 -7.72
CA CYS A 75 -3.66 21.97 -6.31
C CYS A 75 -4.76 22.00 -5.25
N ARG A 76 -5.97 22.41 -5.60
CA ARG A 76 -7.08 22.35 -4.67
C ARG A 76 -7.62 20.90 -4.51
N LEU A 77 -7.64 20.14 -5.60
CA LEU A 77 -7.96 18.68 -5.58
C LEU A 77 -7.10 17.85 -4.58
N LEU A 78 -5.83 18.17 -4.48
CA LEU A 78 -4.90 17.27 -3.82
C LEU A 78 -4.85 17.50 -2.31
N LYS A 79 -5.38 16.53 -1.57
CA LYS A 79 -5.37 16.56 -0.10
C LYS A 79 -4.65 15.29 0.39
N HIS A 80 -3.40 15.43 0.78
CA HIS A 80 -2.62 14.25 1.14
C HIS A 80 -1.54 14.76 2.07
N PRO A 81 -1.15 13.96 3.07
CA PRO A 81 -0.08 14.39 3.96
C PRO A 81 1.30 14.60 3.33
N ASN A 82 1.52 14.08 2.12
CA ASN A 82 2.80 14.16 1.45
C ASN A 82 2.76 15.15 0.29
N ILE A 83 1.70 15.93 0.20
CA ILE A 83 1.58 16.94 -0.85
C ILE A 83 1.29 18.23 -0.12
N VAL A 84 2.00 19.31 -0.48
CA VAL A 84 1.69 20.65 0.10
C VAL A 84 0.28 21.14 -0.35
N ARG A 85 -0.44 21.80 0.54
CA ARG A 85 -1.82 22.17 0.25
C ARG A 85 -1.95 23.64 -0.16
N LEU A 86 -2.86 23.91 -1.10
CA LEU A 86 -3.12 25.28 -1.55
C LEU A 86 -4.19 25.93 -0.68
N HIS A 87 -3.93 27.18 -0.29
CA HIS A 87 -4.81 27.94 0.61
C HIS A 87 -5.52 29.10 -0.11
N ASP A 88 -4.93 29.63 -1.18
CA ASP A 88 -5.53 30.79 -1.86
C ASP A 88 -4.91 30.97 -3.24
N SER A 89 -5.69 31.56 -4.15
CA SER A 89 -5.24 31.90 -5.49
C SER A 89 -5.74 33.32 -5.83
N ILE A 90 -4.79 34.26 -6.00
CA ILE A 90 -5.07 35.69 -6.17
C ILE A 90 -4.35 36.20 -7.42
N SER A 91 -5.08 36.76 -8.37
CA SER A 91 -4.45 37.42 -9.52
C SER A 91 -4.58 38.95 -9.42
N GLU A 92 -3.48 39.64 -9.69
CA GLU A 92 -3.37 41.10 -9.59
C GLU A 92 -3.03 41.67 -10.98
N GLU A 93 -2.75 42.97 -11.04
CA GLU A 93 -2.28 43.60 -12.28
C GLU A 93 -1.28 42.69 -13.03
N GLY A 94 -0.01 42.70 -12.63
CA GLY A 94 1.04 41.99 -13.36
C GLY A 94 1.31 40.55 -12.93
N HIS A 95 0.72 40.15 -11.79
CA HIS A 95 1.15 38.94 -11.09
C HIS A 95 0.00 38.00 -10.71
N HIS A 96 0.35 36.74 -10.48
CA HIS A 96 -0.55 35.74 -9.89
C HIS A 96 0.12 35.13 -8.65
N TYR A 97 -0.65 34.94 -7.59
CA TYR A 97 -0.15 34.44 -6.30
C TYR A 97 -0.85 33.16 -5.93
N LEU A 98 -0.10 32.08 -5.82
CA LEU A 98 -0.63 30.82 -5.30
C LEU A 98 -0.04 30.67 -3.87
N ILE A 99 -0.92 30.61 -2.87
CA ILE A 99 -0.53 30.64 -1.46
C ILE A 99 -0.67 29.21 -0.92
N PHE A 100 0.42 28.61 -0.49
CA PHE A 100 0.41 27.23 -0.02
C PHE A 100 0.75 27.14 1.46
N ASP A 101 0.60 25.96 2.03
CA ASP A 101 1.27 25.65 3.28
C ASP A 101 2.74 25.97 3.18
N LEU A 102 3.28 26.55 4.24
CA LEU A 102 4.73 26.69 4.44
C LEU A 102 5.27 25.42 5.12
N VAL A 103 6.15 24.72 4.39
CA VAL A 103 6.95 23.63 4.94
C VAL A 103 8.38 24.16 5.14
N THR A 104 9.00 23.83 6.27
CA THR A 104 10.13 24.60 6.77
C THR A 104 11.42 23.80 6.88
N GLY A 105 11.47 22.60 6.32
CA GLY A 105 12.66 21.76 6.46
C GLY A 105 13.56 21.73 5.25
N GLY A 106 13.15 22.41 4.17
CA GLY A 106 13.97 22.50 2.96
C GLY A 106 14.00 21.20 2.19
N GLU A 107 14.91 21.07 1.24
CA GLU A 107 14.96 19.91 0.41
C GLU A 107 15.33 18.69 1.21
N LEU A 108 14.67 17.59 0.90
CA LEU A 108 15.05 16.32 1.43
C LEU A 108 16.53 16.06 1.13
N PHE A 109 16.95 16.24 -0.13
CA PHE A 109 18.34 15.95 -0.57
C PHE A 109 19.39 16.75 0.25
N GLU A 110 19.08 17.99 0.61
CA GLU A 110 19.96 18.83 1.46
C GLU A 110 19.98 18.38 2.93
N ASP A 111 18.83 17.91 3.42
CA ASP A 111 18.76 17.24 4.69
C ASP A 111 19.55 15.94 4.74
N ILE A 112 19.47 15.09 3.72
CA ILE A 112 20.18 13.79 3.76
C ILE A 112 21.68 14.01 3.98
N VAL A 113 22.26 15.03 3.34
CA VAL A 113 23.71 15.23 3.43
C VAL A 113 24.19 15.71 4.79
N ALA A 114 23.28 16.27 5.61
CA ALA A 114 23.60 16.72 6.95
C ALA A 114 23.40 15.64 8.02
N ARG A 115 23.13 14.39 7.60
CA ARG A 115 22.82 13.29 8.54
C ARG A 115 24.07 12.48 8.87
N GLU A 116 24.07 11.90 10.07
CA GLU A 116 25.20 11.05 10.46
C GLU A 116 24.96 9.61 10.06
N TYR A 117 23.71 9.28 9.71
CA TYR A 117 23.39 7.94 9.35
C TYR A 117 22.36 7.91 8.24
N TYR A 118 22.66 7.17 7.18
CA TYR A 118 21.81 7.17 6.00
C TYR A 118 21.97 5.80 5.33
N SER A 119 20.88 5.06 5.21
CA SER A 119 20.87 3.71 4.66
C SER A 119 19.77 3.54 3.61
N GLU A 120 19.74 2.36 2.99
CA GLU A 120 18.65 1.93 2.14
C GLU A 120 17.31 2.04 2.83
N ALA A 121 17.23 1.73 4.10
CA ALA A 121 15.97 1.83 4.83
C ALA A 121 15.44 3.29 4.79
N ASP A 122 16.34 4.26 4.92
CA ASP A 122 15.94 5.67 4.81
C ASP A 122 15.48 6.03 3.40
N ALA A 123 16.24 5.63 2.39
CA ALA A 123 15.84 5.80 0.99
C ALA A 123 14.47 5.20 0.71
N SER A 124 14.22 3.99 1.23
CA SER A 124 12.97 3.27 1.01
C SER A 124 11.78 4.00 1.62
N HIS A 125 11.94 4.51 2.83
CA HIS A 125 10.87 5.23 3.46
C HIS A 125 10.53 6.54 2.73
N CYS A 126 11.55 7.26 2.26
CA CYS A 126 11.36 8.44 1.40
C CYS A 126 10.59 8.10 0.14
N ILE A 127 11.03 7.05 -0.58
CA ILE A 127 10.33 6.64 -1.81
C ILE A 127 8.89 6.18 -1.53
N GLN A 128 8.66 5.53 -0.40
CA GLN A 128 7.34 5.10 -0.01
C GLN A 128 6.41 6.31 0.13
N GLN A 129 6.93 7.38 0.70
CA GLN A 129 6.14 8.60 0.92
C GLN A 129 5.83 9.30 -0.41
N ILE A 130 6.84 9.38 -1.24
CA ILE A 130 6.72 9.94 -2.60
C ILE A 130 5.68 9.16 -3.44
N LEU A 131 5.79 7.83 -3.43
CA LEU A 131 4.86 6.98 -4.15
C LEU A 131 3.41 7.08 -3.66
N GLU A 132 3.20 7.33 -2.38
CA GLU A 132 1.86 7.55 -1.84
C GLU A 132 1.28 8.86 -2.37
N ALA A 133 2.12 9.87 -2.45
CA ALA A 133 1.79 11.14 -3.05
C ALA A 133 1.41 10.95 -4.51
N VAL A 134 2.22 10.19 -5.24
CA VAL A 134 2.03 9.99 -6.67
C VAL A 134 0.78 9.11 -6.93
N LEU A 135 0.56 8.06 -6.14
CA LEU A 135 -0.70 7.29 -6.23
C LEU A 135 -1.94 8.18 -6.07
N HIS A 136 -1.95 9.06 -5.07
CA HIS A 136 -3.02 10.00 -4.86
C HIS A 136 -3.25 10.88 -6.07
N CYS A 137 -2.18 11.46 -6.61
CA CYS A 137 -2.27 12.25 -7.84
C CYS A 137 -2.90 11.43 -8.96
N HIS A 138 -2.35 10.25 -9.20
CA HIS A 138 -2.85 9.35 -10.26
C HIS A 138 -4.32 8.94 -10.09
N GLN A 139 -4.74 8.76 -8.84
CA GLN A 139 -6.11 8.41 -8.52
C GLN A 139 -7.05 9.56 -8.80
N MET A 140 -6.57 10.78 -8.62
CA MET A 140 -7.29 12.02 -8.94
C MET A 140 -7.19 12.46 -10.42
N GLY A 141 -6.50 11.66 -11.24
CA GLY A 141 -6.34 11.96 -12.67
C GLY A 141 -5.30 13.04 -12.92
N VAL A 142 -4.26 13.07 -12.09
CA VAL A 142 -3.26 14.14 -12.15
C VAL A 142 -1.91 13.47 -12.36
N VAL A 143 -1.18 13.91 -13.39
CA VAL A 143 0.21 13.47 -13.66
C VAL A 143 1.12 14.68 -13.49
N HIS A 144 2.17 14.54 -12.67
CA HIS A 144 3.05 15.67 -12.30
C HIS A 144 3.95 16.15 -13.47
N ARG A 145 4.55 15.17 -14.14
CA ARG A 145 5.41 15.34 -15.35
C ARG A 145 6.82 15.89 -15.12
N ASP A 146 7.11 16.35 -13.92
CA ASP A 146 8.40 17.00 -13.64
C ASP A 146 8.94 16.68 -12.27
N LEU A 147 8.80 15.45 -11.81
CA LEU A 147 9.33 15.04 -10.53
C LEU A 147 10.86 15.07 -10.56
N LYS A 148 11.42 15.76 -9.57
CA LYS A 148 12.86 15.91 -9.45
C LYS A 148 13.17 16.33 -8.01
N PRO A 149 14.45 16.24 -7.58
CA PRO A 149 14.88 16.60 -6.21
C PRO A 149 14.33 17.92 -5.69
N GLU A 150 14.22 18.89 -6.58
CA GLU A 150 13.72 20.23 -6.23
C GLU A 150 12.31 20.23 -5.61
N ASN A 151 11.48 19.26 -5.98
CA ASN A 151 10.08 19.17 -5.54
C ASN A 151 9.91 18.39 -4.24
N LEU A 152 11.00 17.83 -3.71
CA LEU A 152 10.93 16.94 -2.55
C LEU A 152 11.40 17.72 -1.33
N LEU A 153 10.44 18.33 -0.64
CA LEU A 153 10.67 19.21 0.52
C LEU A 153 10.38 18.44 1.81
N LEU A 154 10.79 18.98 2.96
CA LEU A 154 10.53 18.36 4.26
C LEU A 154 9.56 19.21 5.02
N ALA A 155 8.56 18.58 5.66
CA ALA A 155 7.49 19.29 6.36
C ALA A 155 8.03 20.28 7.38
N SER A 156 9.08 19.87 8.08
CA SER A 156 9.73 20.69 9.11
C SER A 156 11.16 20.25 9.33
N LYS A 157 11.85 21.01 10.19
CA LYS A 157 13.20 20.67 10.66
C LYS A 157 13.20 19.56 11.72
N LEU A 158 12.05 19.29 12.34
CA LEU A 158 11.95 18.18 13.32
C LEU A 158 12.32 16.84 12.70
N LYS A 159 12.93 15.99 13.53
CA LYS A 159 13.26 14.61 13.13
C LYS A 159 11.99 13.83 12.79
N GLY A 160 12.09 12.98 11.78
CA GLY A 160 10.93 12.23 11.30
C GLY A 160 9.88 13.06 10.56
N ALA A 161 10.20 14.29 10.17
CA ALA A 161 9.32 15.12 9.33
C ALA A 161 8.94 14.40 8.02
N ALA A 162 7.72 14.62 7.56
CA ALA A 162 7.26 14.07 6.30
C ALA A 162 7.91 14.77 5.09
N VAL A 163 8.18 13.95 4.07
CA VAL A 163 8.54 14.36 2.75
C VAL A 163 7.27 14.87 2.10
N LYS A 164 7.36 16.06 1.49
CA LYS A 164 6.22 16.70 0.82
C LYS A 164 6.52 17.06 -0.65
N LEU A 165 5.62 16.70 -1.56
CA LEU A 165 5.67 17.22 -2.93
C LEU A 165 5.20 18.65 -2.98
N ALA A 166 6.02 19.51 -3.60
CA ALA A 166 5.68 20.91 -3.79
C ALA A 166 5.92 21.26 -5.26
N ASP A 167 5.07 22.14 -5.81
CA ASP A 167 5.15 22.67 -7.21
C ASP A 167 4.63 21.71 -8.30
N PHE A 168 3.43 22.02 -8.79
CA PHE A 168 2.75 21.22 -9.80
C PHE A 168 2.55 22.09 -11.02
N GLY A 169 3.55 22.92 -11.30
CA GLY A 169 3.53 23.90 -12.41
C GLY A 169 3.38 23.27 -13.79
N LEU A 170 3.91 22.07 -13.95
CA LEU A 170 3.80 21.32 -15.20
C LEU A 170 2.81 20.18 -15.18
N ALA A 171 2.03 20.03 -14.10
CA ALA A 171 1.14 18.89 -13.93
C ALA A 171 0.02 18.98 -14.95
N ILE A 172 -0.45 17.82 -15.40
CA ILE A 172 -1.58 17.76 -16.32
C ILE A 172 -2.72 16.88 -15.78
N GLU A 173 -3.92 17.10 -16.31
CA GLU A 173 -5.07 16.27 -16.01
C GLU A 173 -5.24 15.22 -17.12
N VAL A 174 -5.34 13.96 -16.72
CA VAL A 174 -5.57 12.86 -17.63
C VAL A 174 -6.99 12.27 -17.47
N GLU A 175 -7.46 11.68 -18.56
CA GLU A 175 -8.75 10.99 -18.64
C GLU A 175 -8.53 9.48 -18.44
N GLY A 176 -8.83 8.99 -17.25
CA GLY A 176 -8.65 7.58 -16.96
C GLY A 176 -7.23 7.10 -17.20
N GLU A 177 -7.10 6.06 -18.03
CA GLU A 177 -5.79 5.47 -18.42
C GLU A 177 -5.42 5.78 -19.87
N GLN A 178 -6.06 6.82 -20.43
CA GLN A 178 -5.76 7.25 -21.78
C GLN A 178 -4.43 8.03 -21.82
N GLN A 179 -3.63 7.69 -22.83
CA GLN A 179 -2.37 8.36 -23.14
C GLN A 179 -2.65 9.37 -24.24
N ALA A 180 -1.86 10.43 -24.26
CA ALA A 180 -1.99 11.47 -25.24
C ALA A 180 -0.64 12.21 -25.33
N TRP A 181 -0.42 12.91 -26.43
CA TRP A 181 0.77 13.74 -26.56
C TRP A 181 0.49 15.11 -25.94
N PHE A 182 0.86 15.28 -24.67
CA PHE A 182 0.54 16.51 -23.93
C PHE A 182 1.59 17.63 -24.07
N GLY A 183 2.67 17.36 -24.82
CA GLY A 183 3.69 18.35 -25.09
C GLY A 183 5.03 17.92 -24.53
N PHE A 184 6.07 18.52 -25.07
CA PHE A 184 7.43 18.29 -24.61
C PHE A 184 7.62 19.18 -23.39
N ALA A 185 7.60 18.57 -22.21
CA ALA A 185 7.70 19.23 -20.90
C ALA A 185 8.49 18.33 -19.95
N GLY A 186 9.21 18.95 -19.02
CA GLY A 186 9.98 18.20 -18.00
C GLY A 186 11.41 18.69 -17.86
N THR A 187 12.24 17.92 -17.14
CA THR A 187 13.63 18.30 -16.84
C THR A 187 14.54 17.22 -17.41
N PRO A 188 15.53 17.64 -18.23
CA PRO A 188 16.37 16.72 -18.99
C PRO A 188 16.75 15.37 -18.38
N GLY A 189 17.40 15.36 -17.21
CA GLY A 189 17.81 14.10 -16.56
C GLY A 189 16.71 13.13 -16.10
N TYR A 190 15.47 13.62 -15.97
CA TYR A 190 14.32 12.85 -15.43
C TYR A 190 13.28 12.55 -16.49
N LEU A 191 13.52 13.04 -17.72
CA LEU A 191 12.58 12.88 -18.83
C LEU A 191 12.44 11.42 -19.19
N SER A 192 11.22 11.00 -19.50
CA SER A 192 10.96 9.57 -19.85
C SER A 192 11.26 9.29 -21.31
N PRO A 193 11.58 8.03 -21.66
CA PRO A 193 11.76 7.70 -23.05
C PRO A 193 10.58 8.04 -23.93
N GLU A 194 9.35 7.80 -23.46
CA GLU A 194 8.15 8.05 -24.28
C GLU A 194 7.95 9.51 -24.65
N VAL A 195 8.32 10.39 -23.74
CA VAL A 195 8.25 11.80 -24.00
C VAL A 195 9.33 12.20 -24.99
N LEU A 196 10.53 11.63 -24.84
CA LEU A 196 11.63 11.88 -25.78
C LEU A 196 11.38 11.33 -27.18
N ARG A 197 10.72 10.17 -27.28
CA ARG A 197 10.30 9.60 -28.56
C ARG A 197 9.09 10.32 -29.17
N LYS A 198 8.47 11.25 -28.42
CA LYS A 198 7.27 11.98 -28.87
C LYS A 198 6.04 11.06 -29.01
N ASP A 199 6.01 10.01 -28.20
CA ASP A 199 4.91 9.06 -28.14
C ASP A 199 3.85 9.56 -27.16
N PRO A 200 2.60 9.11 -27.32
CA PRO A 200 1.62 9.43 -26.31
C PRO A 200 2.06 8.92 -24.94
N TYR A 201 1.78 9.73 -23.92
CA TYR A 201 2.18 9.41 -22.56
C TYR A 201 1.10 9.70 -21.52
N GLY A 202 1.39 9.29 -20.30
CA GLY A 202 0.46 9.51 -19.20
C GLY A 202 1.14 9.25 -17.88
N LYS A 203 0.51 8.39 -17.06
CA LYS A 203 0.93 8.19 -15.68
C LYS A 203 2.31 7.57 -15.53
N PRO A 204 2.69 6.67 -16.45
CA PRO A 204 4.05 6.11 -16.30
C PRO A 204 5.21 7.10 -16.31
N VAL A 205 5.03 8.32 -16.82
CA VAL A 205 6.17 9.24 -16.88
C VAL A 205 6.67 9.53 -15.45
N ASP A 206 5.72 9.60 -14.50
CA ASP A 206 6.05 9.83 -13.09
C ASP A 206 6.81 8.67 -12.43
N LEU A 207 6.59 7.44 -12.88
CA LEU A 207 7.31 6.30 -12.31
C LEU A 207 8.73 6.24 -12.81
N TRP A 208 8.98 6.70 -14.04
CA TRP A 208 10.32 6.79 -14.55
C TRP A 208 11.14 7.73 -13.70
N ALA A 209 10.60 8.95 -13.47
CA ALA A 209 11.21 9.96 -12.66
C ALA A 209 11.51 9.45 -11.25
N CYS A 210 10.60 8.68 -10.66
CA CYS A 210 10.86 7.99 -9.38
C CYS A 210 12.02 7.00 -9.39
N GLY A 211 12.15 6.26 -10.48
CA GLY A 211 13.31 5.38 -10.64
C GLY A 211 14.60 6.20 -10.67
N VAL A 212 14.55 7.38 -11.29
CA VAL A 212 15.74 8.24 -11.36
C VAL A 212 16.05 8.77 -9.97
N ILE A 213 15.03 9.19 -9.23
CA ILE A 213 15.16 9.63 -7.85
C ILE A 213 15.66 8.47 -6.96
N LEU A 214 15.10 7.27 -7.07
CA LEU A 214 15.54 6.15 -6.23
C LEU A 214 17.02 5.84 -6.47
N TYR A 215 17.44 5.84 -7.73
CA TYR A 215 18.85 5.62 -8.09
C TYR A 215 19.76 6.65 -7.41
N ILE A 216 19.43 7.93 -7.48
CA ILE A 216 20.25 8.97 -6.87
C ILE A 216 20.26 8.80 -5.35
N LEU A 217 19.10 8.46 -4.77
CA LEU A 217 19.01 8.26 -3.31
C LEU A 217 19.90 7.14 -2.79
N LEU A 218 20.17 6.13 -3.63
CA LEU A 218 21.00 5.01 -3.23
C LEU A 218 22.51 5.29 -3.33
N VAL A 219 22.95 5.95 -4.41
CA VAL A 219 24.39 6.18 -4.66
C VAL A 219 24.90 7.64 -4.78
N GLY A 220 23.98 8.59 -4.89
CA GLY A 220 24.35 10.02 -4.85
C GLY A 220 24.66 10.65 -6.19
N TYR A 221 24.50 9.87 -7.25
CA TYR A 221 24.66 10.37 -8.60
C TYR A 221 23.58 9.77 -9.44
N PRO A 222 23.25 10.47 -10.54
CA PRO A 222 22.18 10.06 -11.47
C PRO A 222 22.53 8.94 -12.46
N PRO A 223 21.51 8.22 -12.93
CA PRO A 223 21.68 7.11 -13.87
C PRO A 223 22.04 7.52 -15.28
N PHE A 224 21.61 8.72 -15.69
CA PHE A 224 21.86 9.22 -17.00
C PHE A 224 22.49 10.60 -16.86
N TRP A 225 23.62 10.79 -17.53
CA TRP A 225 24.34 12.04 -17.44
C TRP A 225 25.21 12.17 -18.66
N ASP A 226 25.14 13.32 -19.31
CA ASP A 226 26.07 13.63 -20.38
C ASP A 226 26.07 15.12 -20.59
N GLU A 227 27.26 15.68 -20.80
CA GLU A 227 27.40 17.10 -21.11
C GLU A 227 26.72 17.44 -22.44
N ASP A 228 26.67 16.50 -23.38
CA ASP A 228 25.89 16.64 -24.61
C ASP A 228 24.48 16.12 -24.41
N GLN A 229 23.53 17.06 -24.43
CA GLN A 229 22.11 16.77 -24.20
C GLN A 229 21.48 15.79 -25.18
N HIS A 230 21.86 15.86 -26.44
CA HIS A 230 21.36 14.93 -27.45
C HIS A 230 21.80 13.49 -27.11
N ARG A 231 23.02 13.32 -26.60
CA ARG A 231 23.57 12.03 -26.15
C ARG A 231 22.89 11.54 -24.88
N LEU A 232 22.67 12.46 -23.96
CA LEU A 232 21.84 12.17 -22.80
C LEU A 232 20.49 11.53 -23.20
N TYR A 233 19.82 12.18 -24.15
CA TYR A 233 18.52 11.72 -24.59
C TYR A 233 18.59 10.34 -25.25
N GLN A 234 19.65 10.06 -26.00
CA GLN A 234 19.84 8.74 -26.58
C GLN A 234 20.08 7.69 -25.49
N GLN A 235 20.78 8.06 -24.41
CA GLN A 235 20.99 7.15 -23.28
C GLN A 235 19.69 6.84 -22.57
N ILE A 236 18.88 7.86 -22.28
CA ILE A 236 17.58 7.63 -21.67
C ILE A 236 16.74 6.71 -22.56
N LYS A 237 16.58 7.07 -23.83
CA LYS A 237 15.79 6.27 -24.76
C LYS A 237 16.24 4.82 -24.91
N ALA A 238 17.54 4.56 -24.78
CA ALA A 238 18.07 3.17 -24.83
C ALA A 238 17.96 2.42 -23.48
N GLY A 239 17.65 3.14 -22.39
CA GLY A 239 17.70 2.56 -21.06
C GLY A 239 19.11 2.23 -20.59
N ALA A 240 20.09 3.05 -21.02
CA ALA A 240 21.51 2.75 -20.83
C ALA A 240 22.01 3.31 -19.50
N TYR A 241 21.64 2.61 -18.41
CA TYR A 241 22.11 2.89 -17.04
C TYR A 241 22.75 1.58 -16.59
N ASP A 242 23.65 1.65 -15.62
CA ASP A 242 24.12 0.40 -14.96
C ASP A 242 24.32 0.58 -13.48
N PHE A 243 24.73 -0.50 -12.85
CA PHE A 243 24.98 -0.56 -11.42
C PHE A 243 26.45 -0.92 -11.20
N PRO A 244 27.38 0.02 -11.43
CA PRO A 244 28.79 -0.36 -11.33
C PRO A 244 29.31 -0.74 -9.93
N SER A 245 30.27 -1.66 -9.89
CA SER A 245 31.04 -1.94 -8.69
C SER A 245 32.05 -0.82 -8.58
N PRO A 246 32.48 -0.47 -7.34
CA PRO A 246 32.16 -1.17 -6.08
C PRO A 246 30.86 -0.77 -5.36
N GLU A 247 30.32 0.39 -5.64
CA GLU A 247 29.30 0.97 -4.78
C GLU A 247 27.93 0.25 -4.82
N TRP A 248 27.54 -0.26 -5.96
CA TRP A 248 26.35 -1.04 -6.05
C TRP A 248 26.49 -2.46 -5.51
N ASP A 249 27.69 -2.87 -5.11
CA ASP A 249 27.90 -4.24 -4.59
C ASP A 249 27.24 -4.49 -3.24
N THR A 250 27.02 -3.41 -2.48
CA THR A 250 26.41 -3.48 -1.15
C THR A 250 24.91 -3.07 -1.17
N VAL A 251 24.37 -2.85 -2.36
CA VAL A 251 22.95 -2.53 -2.52
C VAL A 251 22.19 -3.86 -2.66
N THR A 252 21.04 -4.00 -1.99
CA THR A 252 20.26 -5.23 -2.03
C THR A 252 19.73 -5.43 -3.45
N PRO A 253 19.65 -6.68 -3.90
CA PRO A 253 19.05 -7.04 -5.19
C PRO A 253 17.62 -6.52 -5.39
N GLU A 254 16.89 -6.36 -4.29
CA GLU A 254 15.51 -5.91 -4.32
C GLU A 254 15.37 -4.40 -4.58
N ALA A 255 16.31 -3.59 -4.08
CA ALA A 255 16.44 -2.21 -4.50
C ALA A 255 16.77 -2.10 -6.00
N LYS A 256 17.63 -2.98 -6.50
CA LYS A 256 18.01 -2.94 -7.93
C LYS A 256 16.83 -3.37 -8.80
N ASP A 257 16.09 -4.34 -8.29
CA ASP A 257 14.94 -4.86 -8.96
C ASP A 257 13.86 -3.81 -9.10
N LEU A 258 13.60 -3.07 -8.01
CA LEU A 258 12.64 -1.98 -8.08
C LEU A 258 13.07 -0.94 -9.12
N ILE A 259 14.33 -0.49 -9.05
CA ILE A 259 14.87 0.41 -10.04
C ILE A 259 14.66 -0.16 -11.45
N ASN A 260 15.01 -1.41 -11.69
CA ASN A 260 14.81 -1.96 -13.03
C ASN A 260 13.35 -1.88 -13.52
N LYS A 261 12.40 -2.01 -12.61
CA LYS A 261 10.99 -2.01 -12.95
C LYS A 261 10.39 -0.59 -13.16
N MET A 262 11.01 0.41 -12.55
CA MET A 262 10.69 1.80 -12.81
C MET A 262 11.37 2.31 -14.07
N LEU A 263 12.66 2.03 -14.22
CA LEU A 263 13.39 2.40 -15.42
C LEU A 263 13.23 1.31 -16.53
N THR A 264 11.97 1.01 -16.84
CA THR A 264 11.61 0.13 -17.95
C THR A 264 11.18 1.06 -19.09
N ILE A 265 11.80 0.92 -20.25
CA ILE A 265 11.66 1.76 -21.44
C ILE A 265 10.26 1.75 -22.05
N ASN A 266 9.61 0.59 -21.99
CA ASN A 266 8.27 0.48 -22.49
C ASN A 266 7.30 0.80 -21.36
N PRO A 267 6.56 1.93 -21.46
CA PRO A 267 5.72 2.39 -20.34
C PRO A 267 4.55 1.49 -20.00
N SER A 268 4.16 0.60 -20.92
CA SER A 268 3.11 -0.37 -20.68
C SER A 268 3.58 -1.47 -19.77
N LYS A 269 4.91 -1.63 -19.67
CA LYS A 269 5.51 -2.69 -18.87
C LYS A 269 6.08 -2.15 -17.58
N ARG A 270 6.11 -0.85 -17.43
CA ARG A 270 6.68 -0.22 -16.28
C ARG A 270 5.76 -0.43 -15.07
N ILE A 271 6.37 -0.54 -13.89
CA ILE A 271 5.66 -0.70 -12.63
C ILE A 271 4.79 0.56 -12.37
N THR A 272 3.57 0.37 -11.82
CA THR A 272 2.69 1.50 -11.48
C THR A 272 2.98 1.92 -10.02
N ALA A 273 2.43 3.06 -9.60
CA ALA A 273 2.57 3.53 -8.20
C ALA A 273 1.98 2.54 -7.22
N ALA A 274 0.85 1.96 -7.61
CA ALA A 274 0.10 1.03 -6.78
C ALA A 274 0.92 -0.26 -6.58
N GLU A 275 1.45 -0.79 -7.68
CA GLU A 275 2.40 -1.90 -7.66
C GLU A 275 3.71 -1.55 -6.94
N ALA A 276 4.33 -0.37 -7.15
CA ALA A 276 5.59 -0.08 -6.43
C ALA A 276 5.39 -0.10 -4.91
N LEU A 277 4.22 0.34 -4.46
CA LEU A 277 3.92 0.39 -3.02
C LEU A 277 3.75 -1.01 -2.38
N LYS A 278 3.65 -2.04 -3.22
CA LYS A 278 3.57 -3.43 -2.73
C LYS A 278 4.86 -4.21 -2.92
N HIS A 279 5.81 -3.59 -3.61
CA HIS A 279 7.14 -4.15 -3.86
C HIS A 279 7.81 -4.40 -2.53
N PRO A 280 8.40 -5.61 -2.35
CA PRO A 280 9.02 -5.99 -1.06
C PRO A 280 10.02 -4.99 -0.45
N TRP A 281 10.80 -4.31 -1.30
CA TRP A 281 11.76 -3.34 -0.82
C TRP A 281 11.07 -2.12 -0.19
N ILE A 282 9.83 -1.86 -0.59
CA ILE A 282 8.95 -0.80 -0.01
C ILE A 282 8.05 -1.31 1.13
N SER A 283 7.28 -2.37 0.86
CA SER A 283 6.21 -2.85 1.74
C SER A 283 6.74 -3.74 2.86
N HIS A 284 7.91 -4.31 2.63
CA HIS A 284 8.65 -5.08 3.59
C HIS A 284 10.02 -4.45 3.89
N ARG A 285 10.10 -3.12 3.82
CA ARG A 285 11.33 -2.39 4.09
C ARG A 285 12.07 -2.94 5.30
N SER A 286 11.33 -3.12 6.38
CA SER A 286 11.87 -3.50 7.67
C SER A 286 12.58 -4.85 7.67
N THR A 287 12.30 -5.72 6.72
CA THR A 287 13.04 -7.00 6.64
C THR A 287 13.85 -7.22 5.33
N VAL A 288 13.79 -6.27 4.42
CA VAL A 288 14.35 -6.40 3.07
C VAL A 288 15.40 -5.30 2.79
N ALA A 289 15.13 -4.04 3.19
CA ALA A 289 16.06 -2.96 2.92
C ALA A 289 17.29 -2.98 3.86
N SER A 290 18.49 -2.75 3.31
CA SER A 290 19.68 -2.68 4.14
C SER A 290 19.65 -1.50 5.11
N CYS A 291 20.21 -1.74 6.29
CA CYS A 291 20.42 -0.71 7.29
C CYS A 291 21.86 -0.21 7.36
N MET A 292 22.72 -0.71 6.48
CA MET A 292 24.13 -0.27 6.41
C MET A 292 24.21 1.21 6.00
N HIS A 293 24.98 1.98 6.77
CA HIS A 293 25.31 3.36 6.44
C HIS A 293 26.09 3.37 5.14
N ARG A 294 25.68 4.28 4.25
CA ARG A 294 26.29 4.49 2.94
C ARG A 294 26.93 5.88 2.91
N GLN A 295 28.13 6.00 3.48
CA GLN A 295 28.83 7.28 3.58
C GLN A 295 29.22 7.89 2.23
N GLU A 296 29.52 7.05 1.24
CA GLU A 296 29.86 7.51 -0.10
C GLU A 296 28.67 8.12 -0.84
N THR A 297 27.47 7.63 -0.56
CA THR A 297 26.23 8.27 -1.03
C THR A 297 26.06 9.68 -0.46
N VAL A 298 26.19 9.81 0.85
CA VAL A 298 26.18 11.12 1.52
C VAL A 298 27.19 12.07 0.88
N ASP A 299 28.43 11.63 0.74
CA ASP A 299 29.46 12.47 0.15
C ASP A 299 29.19 12.82 -1.31
N CYS A 300 28.80 11.84 -2.11
CA CYS A 300 28.49 12.09 -3.52
C CYS A 300 27.24 12.98 -3.78
N LEU A 301 26.25 12.87 -2.90
CA LEU A 301 25.02 13.61 -2.99
C LEU A 301 25.27 15.09 -2.71
N LYS A 302 26.22 15.38 -1.85
CA LYS A 302 26.66 16.76 -1.56
C LYS A 302 27.19 17.46 -2.82
N LYS A 303 27.93 16.68 -3.62
CA LYS A 303 28.45 17.10 -4.90
C LYS A 303 27.36 17.23 -5.96
N PHE A 304 26.42 16.29 -5.96
CA PHE A 304 25.26 16.33 -6.84
C PHE A 304 24.41 17.58 -6.55
N ASN A 305 24.15 17.84 -5.28
CA ASN A 305 23.40 19.02 -4.86
C ASN A 305 24.03 20.31 -5.28
N ALA A 306 25.35 20.39 -5.15
CA ALA A 306 26.14 21.58 -5.52
C ALA A 306 26.06 21.90 -7.00
N ARG A 307 26.05 20.87 -7.82
CA ARG A 307 25.88 21.04 -9.27
C ARG A 307 24.47 21.50 -9.67
N ARG A 308 23.43 21.06 -8.96
CA ARG A 308 22.08 21.56 -9.26
C ARG A 308 21.89 23.00 -8.89
N LYS A 309 22.67 23.51 -7.94
CA LYS A 309 22.55 24.89 -7.48
C LYS A 309 23.42 25.87 -8.27
N LEU A 310 24.45 25.35 -8.95
CA LEU A 310 25.43 26.14 -9.74
C LEU A 310 24.94 26.48 -11.17
N LEU B 18 -11.05 -43.74 -7.19
CA LEU B 18 -11.18 -44.37 -8.53
C LEU B 18 -10.70 -43.42 -9.66
N TYR B 19 -11.57 -42.48 -10.06
CA TYR B 19 -11.37 -41.60 -11.23
C TYR B 19 -10.46 -40.37 -10.99
N PHE B 20 -10.29 -39.98 -9.73
CA PHE B 20 -9.43 -38.84 -9.39
C PHE B 20 -7.96 -39.25 -9.45
N GLN B 21 -7.65 -40.44 -8.90
CA GLN B 21 -6.31 -41.06 -9.02
C GLN B 21 -5.82 -41.05 -10.48
N SER B 22 -6.77 -41.08 -11.42
CA SER B 22 -6.50 -40.96 -12.86
C SER B 22 -5.93 -39.60 -13.29
N MET B 23 -6.48 -38.53 -12.72
CA MET B 23 -6.17 -37.17 -13.17
C MET B 23 -5.05 -36.49 -12.39
N TYR B 24 -4.95 -36.80 -11.10
CA TYR B 24 -4.02 -36.13 -10.17
C TYR B 24 -3.24 -37.15 -9.36
N GLN B 25 -2.12 -36.70 -8.82
CA GLN B 25 -1.30 -37.52 -7.95
C GLN B 25 -1.03 -36.79 -6.67
N LEU B 26 -1.42 -37.40 -5.55
CA LEU B 26 -1.32 -36.77 -4.23
C LEU B 26 0.06 -36.97 -3.62
N PHE B 27 0.62 -35.91 -3.07
CA PHE B 27 1.94 -35.96 -2.40
C PHE B 27 1.76 -35.59 -0.92
N GLU B 28 2.63 -34.78 -0.33
CA GLU B 28 2.53 -34.48 1.12
C GLU B 28 1.27 -33.68 1.55
N GLU B 29 0.88 -33.88 2.81
CA GLU B 29 -0.16 -33.14 3.50
C GLU B 29 0.40 -31.79 3.85
N LEU B 30 -0.42 -30.75 3.70
CA LEU B 30 -0.05 -29.39 4.02
C LEU B 30 -0.80 -28.85 5.24
N GLY B 31 -2.04 -29.29 5.46
CA GLY B 31 -2.81 -28.87 6.62
C GLY B 31 -4.08 -29.67 6.79
N LYS B 32 -4.88 -29.31 7.78
CA LYS B 32 -6.08 -30.07 8.11
C LYS B 32 -7.25 -29.21 8.61
N GLY B 33 -8.45 -29.80 8.50
CA GLY B 33 -9.62 -29.46 9.31
C GLY B 33 -10.20 -30.74 9.91
N ALA B 34 -11.35 -30.62 10.58
CA ALA B 34 -12.06 -31.80 11.13
C ALA B 34 -12.63 -32.71 10.03
N PHE B 35 -13.03 -32.10 8.90
CA PHE B 35 -13.71 -32.82 7.81
C PHE B 35 -12.96 -32.79 6.49
N SER B 36 -11.76 -32.20 6.48
CA SER B 36 -10.90 -32.17 5.29
C SER B 36 -9.40 -32.18 5.63
N VAL B 37 -8.59 -32.66 4.70
CA VAL B 37 -7.15 -32.44 4.73
C VAL B 37 -6.80 -31.73 3.43
N VAL B 38 -5.66 -31.03 3.42
CA VAL B 38 -5.15 -30.44 2.20
C VAL B 38 -3.80 -31.07 1.91
N ARG B 39 -3.60 -31.45 0.65
CA ARG B 39 -2.36 -32.08 0.24
C ARG B 39 -1.86 -31.52 -1.06
N ARG B 40 -0.52 -31.37 -1.17
CA ARG B 40 0.02 -31.02 -2.47
C ARG B 40 -0.32 -32.13 -3.46
N CYS B 41 -0.65 -31.74 -4.68
CA CYS B 41 -0.77 -32.71 -5.75
C CYS B 41 -0.31 -32.17 -7.10
N VAL B 42 -0.09 -33.10 -8.02
CA VAL B 42 0.37 -32.82 -9.39
C VAL B 42 -0.69 -33.33 -10.37
N LYS B 43 -1.04 -32.50 -11.33
CA LYS B 43 -1.93 -32.90 -12.40
C LYS B 43 -1.08 -33.76 -13.34
N VAL B 44 -1.43 -35.03 -13.49
CA VAL B 44 -0.63 -36.01 -14.24
C VAL B 44 -0.24 -35.53 -15.66
N LEU B 45 -1.26 -35.20 -16.47
CA LEU B 45 -1.09 -34.80 -17.87
C LEU B 45 -0.55 -33.36 -18.07
N ALA B 46 -0.63 -32.54 -17.02
CA ALA B 46 -0.17 -31.15 -17.08
C ALA B 46 1.28 -30.99 -16.64
N GLY B 47 1.64 -31.64 -15.54
CA GLY B 47 2.88 -31.38 -14.82
C GLY B 47 2.83 -30.04 -14.09
N GLN B 48 1.67 -29.73 -13.51
CA GLN B 48 1.48 -28.52 -12.74
C GLN B 48 1.06 -28.94 -11.37
N GLU B 49 1.47 -28.18 -10.35
CA GLU B 49 1.21 -28.57 -8.99
C GLU B 49 0.11 -27.68 -8.41
N TYR B 50 -0.65 -28.26 -7.47
CA TYR B 50 -1.86 -27.63 -6.92
C TYR B 50 -2.01 -28.10 -5.47
N ALA B 51 -2.93 -27.47 -4.73
CA ALA B 51 -3.39 -27.97 -3.42
C ALA B 51 -4.72 -28.70 -3.59
N ALA B 52 -4.82 -29.94 -3.11
CA ALA B 52 -6.10 -30.66 -3.17
C ALA B 52 -6.78 -30.60 -1.80
N LYS B 53 -7.93 -29.92 -1.70
CA LYS B 53 -8.75 -30.03 -0.53
C LYS B 53 -9.62 -31.29 -0.65
N ILE B 54 -9.34 -32.24 0.24
CA ILE B 54 -9.96 -33.57 0.18
C ILE B 54 -10.99 -33.66 1.31
N ILE B 55 -12.26 -33.62 0.96
CA ILE B 55 -13.34 -33.64 1.93
C ILE B 55 -13.98 -35.03 2.00
N ASN B 56 -13.89 -35.63 3.19
CA ASN B 56 -14.55 -36.89 3.46
C ASN B 56 -16.05 -36.70 3.57
N THR B 57 -16.77 -36.97 2.48
CA THR B 57 -18.20 -36.68 2.42
C THR B 57 -19.02 -37.63 3.28
N LYS B 58 -18.49 -38.79 3.63
CA LYS B 58 -19.18 -39.70 4.57
C LYS B 58 -19.38 -39.09 5.97
N LYS B 59 -18.59 -38.08 6.33
CA LYS B 59 -18.62 -37.48 7.67
C LYS B 59 -19.39 -36.17 7.73
N LEU B 60 -19.88 -35.72 6.59
CA LEU B 60 -20.66 -34.50 6.52
C LEU B 60 -22.15 -34.81 6.70
N SER B 61 -22.89 -33.81 7.18
CA SER B 61 -24.35 -33.84 7.13
C SER B 61 -24.75 -33.78 5.67
N ALA B 62 -25.98 -34.24 5.36
CA ALA B 62 -26.53 -34.13 4.00
C ALA B 62 -26.43 -32.67 3.55
N ARG B 63 -26.77 -31.76 4.45
CA ARG B 63 -26.78 -30.35 4.14
C ARG B 63 -25.39 -29.77 3.82
N ASP B 64 -24.38 -30.17 4.57
CA ASP B 64 -23.04 -29.67 4.32
C ASP B 64 -22.44 -30.33 3.10
N HIS B 65 -22.82 -31.58 2.83
CA HIS B 65 -22.42 -32.18 1.57
C HIS B 65 -22.99 -31.36 0.39
N GLN B 66 -24.29 -31.08 0.43
CA GLN B 66 -24.98 -30.32 -0.61
C GLN B 66 -24.41 -28.91 -0.81
N LYS B 67 -24.02 -28.26 0.28
CA LYS B 67 -23.48 -26.91 0.22
C LYS B 67 -22.02 -26.83 -0.31
N LEU B 68 -21.43 -27.98 -0.63
CA LEU B 68 -20.16 -28.04 -1.36
C LEU B 68 -20.31 -27.50 -2.76
N GLU B 69 -21.48 -27.69 -3.38
CA GLU B 69 -21.87 -27.02 -4.62
C GLU B 69 -21.76 -25.49 -4.51
N ARG B 70 -22.14 -24.93 -3.38
CA ARG B 70 -22.05 -23.48 -3.18
C ARG B 70 -20.61 -23.03 -2.98
N GLU B 71 -19.88 -23.74 -2.11
CA GLU B 71 -18.44 -23.56 -1.97
C GLU B 71 -17.67 -23.59 -3.33
N ALA B 72 -17.91 -24.62 -4.15
CA ALA B 72 -17.26 -24.76 -5.47
C ALA B 72 -17.56 -23.54 -6.36
N ARG B 73 -18.80 -23.08 -6.31
CA ARG B 73 -19.27 -21.98 -7.12
C ARG B 73 -18.65 -20.65 -6.67
N ILE B 74 -18.71 -20.37 -5.39
CA ILE B 74 -18.09 -19.17 -4.85
C ILE B 74 -16.61 -19.05 -5.23
N CYS B 75 -15.89 -20.17 -5.12
CA CYS B 75 -14.45 -20.20 -5.35
C CYS B 75 -14.04 -20.06 -6.80
N ARG B 76 -14.88 -20.49 -7.73
CA ARG B 76 -14.68 -20.19 -9.15
C ARG B 76 -14.90 -18.73 -9.49
N LEU B 77 -15.91 -18.11 -8.87
CA LEU B 77 -16.23 -16.68 -9.07
C LEU B 77 -15.03 -15.79 -8.77
N LEU B 78 -14.30 -16.14 -7.71
CA LEU B 78 -13.35 -15.21 -7.10
C LEU B 78 -11.99 -15.22 -7.78
N LYS B 79 -11.70 -14.14 -8.50
CA LYS B 79 -10.42 -13.95 -9.19
C LYS B 79 -9.72 -12.66 -8.71
N HIS B 80 -8.76 -12.83 -7.81
CA HIS B 80 -8.10 -11.72 -7.16
C HIS B 80 -6.67 -12.11 -6.76
N PRO B 81 -5.71 -11.18 -6.81
CA PRO B 81 -4.34 -11.56 -6.45
C PRO B 81 -4.09 -12.05 -5.00
N ASN B 82 -4.95 -11.61 -4.08
CA ASN B 82 -4.91 -11.97 -2.68
C ASN B 82 -5.93 -13.05 -2.29
N ILE B 83 -6.47 -13.77 -3.27
CA ILE B 83 -7.37 -14.91 -3.03
C ILE B 83 -6.90 -16.14 -3.82
N VAL B 84 -6.78 -17.28 -3.14
CA VAL B 84 -6.37 -18.51 -3.84
C VAL B 84 -7.54 -18.97 -4.70
N ARG B 85 -7.33 -19.27 -5.99
CA ARG B 85 -8.46 -19.72 -6.78
C ARG B 85 -8.54 -21.22 -7.07
N LEU B 86 -9.79 -21.66 -7.25
CA LEU B 86 -10.17 -23.00 -7.65
C LEU B 86 -9.87 -23.26 -9.10
N HIS B 87 -9.27 -24.43 -9.36
CA HIS B 87 -9.03 -24.89 -10.72
C HIS B 87 -9.97 -26.05 -11.09
N ASP B 88 -10.43 -26.84 -10.10
CA ASP B 88 -11.24 -28.00 -10.42
C ASP B 88 -12.01 -28.58 -9.21
N SER B 89 -13.10 -29.31 -9.48
CA SER B 89 -13.96 -29.90 -8.43
C SER B 89 -14.38 -31.28 -8.91
N ILE B 90 -14.14 -32.30 -8.08
CA ILE B 90 -14.41 -33.69 -8.47
C ILE B 90 -15.09 -34.44 -7.31
N SER B 91 -16.21 -35.13 -7.54
CA SER B 91 -16.75 -36.05 -6.50
C SER B 91 -16.62 -37.51 -6.87
N GLU B 92 -16.13 -38.29 -5.92
CA GLU B 92 -16.12 -39.77 -5.97
C GLU B 92 -17.15 -40.27 -4.95
N GLU B 93 -17.13 -41.57 -4.65
CA GLU B 93 -18.16 -42.20 -3.81
C GLU B 93 -18.13 -41.71 -2.35
N GLY B 94 -16.94 -41.54 -1.78
CA GLY B 94 -16.80 -41.11 -0.38
C GLY B 94 -16.12 -39.78 -0.15
N HIS B 95 -15.75 -39.08 -1.23
CA HIS B 95 -14.84 -37.95 -1.15
C HIS B 95 -15.18 -36.91 -2.20
N HIS B 96 -14.97 -35.65 -1.86
CA HIS B 96 -15.02 -34.59 -2.82
C HIS B 96 -13.65 -33.93 -2.86
N TYR B 97 -13.23 -33.49 -4.04
CA TYR B 97 -11.90 -32.89 -4.24
C TYR B 97 -12.07 -31.50 -4.82
N LEU B 98 -11.57 -30.51 -4.09
CA LEU B 98 -11.57 -29.12 -4.58
C LEU B 98 -10.12 -28.75 -4.79
N ILE B 99 -9.72 -28.58 -6.04
CA ILE B 99 -8.33 -28.37 -6.40
C ILE B 99 -8.07 -26.87 -6.60
N PHE B 100 -7.19 -26.28 -5.78
CA PHE B 100 -6.87 -24.84 -5.81
C PHE B 100 -5.44 -24.57 -6.23
N ASP B 101 -5.09 -23.31 -6.48
CA ASP B 101 -3.68 -22.93 -6.59
C ASP B 101 -2.94 -23.35 -5.32
N LEU B 102 -1.69 -23.76 -5.50
CA LEU B 102 -0.77 -24.02 -4.41
C LEU B 102 -0.09 -22.72 -4.02
N VAL B 103 -0.23 -22.37 -2.74
CA VAL B 103 0.57 -21.34 -2.12
C VAL B 103 1.44 -22.01 -1.08
N THR B 104 2.72 -21.67 -1.06
CA THR B 104 3.75 -22.44 -0.34
C THR B 104 4.42 -21.72 0.84
N GLY B 105 3.93 -20.54 1.24
CA GLY B 105 4.55 -19.77 2.32
C GLY B 105 4.07 -20.12 3.73
N GLY B 106 2.98 -20.90 3.82
CA GLY B 106 2.32 -21.22 5.08
C GLY B 106 1.55 -20.04 5.67
N GLU B 107 1.17 -20.16 6.92
CA GLU B 107 0.44 -19.11 7.59
C GLU B 107 1.22 -17.83 7.78
N LEU B 108 0.58 -16.71 7.47
CA LEU B 108 1.04 -15.38 7.83
C LEU B 108 1.51 -15.33 9.29
N PHE B 109 0.66 -15.81 10.20
CA PHE B 109 0.91 -15.73 11.64
C PHE B 109 2.16 -16.48 12.10
N GLU B 110 2.41 -17.68 11.57
CA GLU B 110 3.67 -18.39 11.79
C GLU B 110 4.86 -17.60 11.24
N ASP B 111 4.68 -17.01 10.07
CA ASP B 111 5.75 -16.26 9.45
C ASP B 111 6.11 -14.99 10.24
N ILE B 112 5.13 -14.29 10.78
CA ILE B 112 5.38 -13.07 11.55
C ILE B 112 6.34 -13.31 12.71
N VAL B 113 6.24 -14.46 13.37
CA VAL B 113 7.05 -14.74 14.56
C VAL B 113 8.49 -15.16 14.22
N ALA B 114 8.72 -15.68 13.00
CA ALA B 114 10.07 -15.95 12.50
C ALA B 114 10.79 -14.72 11.86
N ARG B 115 10.15 -13.57 11.82
CA ARG B 115 10.75 -12.38 11.17
C ARG B 115 11.70 -11.64 12.08
N GLU B 116 12.66 -10.94 11.49
CA GLU B 116 13.63 -10.15 12.27
C GLU B 116 13.10 -8.81 12.74
N TYR B 117 12.00 -8.35 12.14
CA TYR B 117 11.45 -7.04 12.46
C TYR B 117 10.00 -7.10 12.17
N TYR B 118 9.19 -6.55 13.07
CA TYR B 118 7.74 -6.49 12.88
C TYR B 118 7.14 -5.24 13.57
N SER B 119 6.58 -4.34 12.77
CA SER B 119 6.06 -3.05 13.21
C SER B 119 4.59 -2.85 12.84
N GLU B 120 3.96 -1.80 13.38
CA GLU B 120 2.63 -1.40 12.90
C GLU B 120 2.58 -1.28 11.37
N ALA B 121 3.57 -0.62 10.77
CA ALA B 121 3.67 -0.47 9.31
C ALA B 121 3.58 -1.83 8.56
N ASP B 122 4.12 -2.87 9.17
CA ASP B 122 4.08 -4.22 8.63
C ASP B 122 2.73 -4.88 8.84
N ALA B 123 2.09 -4.63 9.98
CA ALA B 123 0.73 -5.13 10.21
C ALA B 123 -0.29 -4.44 9.26
N SER B 124 -0.06 -3.17 8.96
CA SER B 124 -0.89 -2.43 8.04
C SER B 124 -0.87 -2.99 6.64
N HIS B 125 0.30 -3.43 6.20
CA HIS B 125 0.42 -4.05 4.91
C HIS B 125 -0.31 -5.40 4.88
N CYS B 126 -0.36 -6.09 6.01
CA CYS B 126 -1.07 -7.40 6.11
C CYS B 126 -2.57 -7.16 5.99
N ILE B 127 -3.06 -6.21 6.77
CA ILE B 127 -4.48 -5.90 6.82
C ILE B 127 -4.96 -5.29 5.53
N GLN B 128 -4.16 -4.46 4.88
CA GLN B 128 -4.52 -3.94 3.57
C GLN B 128 -4.78 -5.07 2.56
N GLN B 129 -3.88 -6.03 2.48
CA GLN B 129 -4.04 -7.18 1.59
C GLN B 129 -5.31 -7.96 1.90
N ILE B 130 -5.55 -8.20 3.18
CA ILE B 130 -6.79 -8.90 3.64
C ILE B 130 -8.04 -8.10 3.27
N LEU B 131 -8.03 -6.81 3.53
CA LEU B 131 -9.18 -5.97 3.16
C LEU B 131 -9.39 -5.88 1.67
N GLU B 132 -8.33 -5.88 0.88
CA GLU B 132 -8.49 -5.90 -0.59
C GLU B 132 -9.23 -7.16 -1.06
N ALA B 133 -8.82 -8.31 -0.54
CA ALA B 133 -9.46 -9.60 -0.79
C ALA B 133 -10.93 -9.57 -0.36
N VAL B 134 -11.21 -9.07 0.84
CA VAL B 134 -12.55 -9.03 1.39
C VAL B 134 -13.44 -8.10 0.55
N LEU B 135 -12.91 -6.93 0.17
CA LEU B 135 -13.62 -6.02 -0.73
C LEU B 135 -14.03 -6.71 -2.00
N HIS B 136 -13.14 -7.54 -2.57
CA HIS B 136 -13.43 -8.23 -3.80
C HIS B 136 -14.54 -9.24 -3.60
N CYS B 137 -14.47 -10.02 -2.54
CA CYS B 137 -15.61 -10.90 -2.11
C CYS B 137 -16.94 -10.14 -2.05
N HIS B 138 -16.99 -9.11 -1.24
CA HIS B 138 -18.18 -8.29 -1.08
C HIS B 138 -18.73 -7.75 -2.40
N GLN B 139 -17.85 -7.25 -3.25
CA GLN B 139 -18.26 -6.83 -4.61
C GLN B 139 -18.83 -7.98 -5.46
N MET B 140 -18.37 -9.21 -5.25
CA MET B 140 -18.93 -10.37 -5.95
C MET B 140 -20.11 -10.99 -5.22
N GLY B 141 -20.62 -10.36 -4.16
CA GLY B 141 -21.72 -10.93 -3.42
C GLY B 141 -21.39 -12.18 -2.61
N VAL B 142 -20.15 -12.30 -2.16
CA VAL B 142 -19.67 -13.40 -1.30
C VAL B 142 -19.31 -12.80 0.09
N VAL B 143 -19.81 -13.42 1.17
CA VAL B 143 -19.42 -13.15 2.55
C VAL B 143 -18.72 -14.39 3.08
N HIS B 144 -17.53 -14.22 3.65
CA HIS B 144 -16.69 -15.35 4.05
C HIS B 144 -17.23 -16.08 5.28
N ARG B 145 -17.63 -15.26 6.26
CA ARG B 145 -18.24 -15.69 7.53
C ARG B 145 -17.33 -16.32 8.58
N ASP B 146 -16.17 -16.83 8.19
CA ASP B 146 -15.31 -17.51 9.10
C ASP B 146 -13.85 -17.10 8.98
N LEU B 147 -13.63 -15.79 8.86
CA LEU B 147 -12.30 -15.24 8.73
C LEU B 147 -11.57 -15.48 10.06
N LYS B 148 -10.35 -16.02 9.97
CA LYS B 148 -9.53 -16.34 11.15
C LYS B 148 -8.07 -16.51 10.71
N PRO B 149 -7.12 -16.61 11.66
CA PRO B 149 -5.71 -16.66 11.25
C PRO B 149 -5.34 -17.79 10.28
N GLU B 150 -6.02 -18.92 10.39
CA GLU B 150 -5.81 -20.11 9.55
C GLU B 150 -6.10 -19.91 8.06
N ASN B 151 -6.91 -18.91 7.72
CA ASN B 151 -7.26 -18.62 6.34
C ASN B 151 -6.23 -17.69 5.67
N LEU B 152 -5.23 -17.22 6.44
CA LEU B 152 -4.27 -16.22 6.00
C LEU B 152 -2.94 -16.88 5.72
N LEU B 153 -2.73 -17.15 4.43
CA LEU B 153 -1.58 -17.89 3.94
C LEU B 153 -0.65 -16.95 3.16
N LEU B 154 0.62 -17.29 3.08
CA LEU B 154 1.59 -16.58 2.23
C LEU B 154 1.77 -17.32 0.89
N ALA B 155 1.88 -16.57 -0.19
CA ALA B 155 1.98 -17.06 -1.56
C ALA B 155 3.18 -17.95 -1.79
N SER B 156 4.28 -17.65 -1.12
CA SER B 156 5.54 -18.37 -1.27
C SER B 156 6.44 -18.02 -0.10
N LYS B 157 7.60 -18.64 -0.08
CA LYS B 157 8.63 -18.43 0.94
C LYS B 157 9.58 -17.27 0.59
N LEU B 158 9.40 -16.70 -0.60
CA LEU B 158 10.15 -15.53 -1.04
C LEU B 158 9.85 -14.35 -0.14
N LYS B 159 10.83 -13.47 -0.03
CA LYS B 159 10.72 -12.24 0.77
C LYS B 159 9.64 -11.31 0.22
N GLY B 160 8.77 -10.86 1.09
CA GLY B 160 7.62 -10.05 0.71
C GLY B 160 6.54 -10.75 -0.08
N ALA B 161 6.43 -12.08 -0.02
CA ALA B 161 5.29 -12.78 -0.63
C ALA B 161 3.93 -12.23 -0.14
N ALA B 162 2.96 -12.24 -1.05
CA ALA B 162 1.63 -11.72 -0.76
C ALA B 162 0.88 -12.65 0.18
N VAL B 163 0.01 -12.01 0.94
CA VAL B 163 -0.92 -12.67 1.83
C VAL B 163 -2.11 -13.02 0.97
N LYS B 164 -2.57 -14.25 1.16
CA LYS B 164 -3.65 -14.81 0.37
C LYS B 164 -4.73 -15.49 1.22
N LEU B 165 -5.99 -15.14 0.98
CA LEU B 165 -7.13 -15.86 1.56
C LEU B 165 -7.31 -17.26 0.99
N ALA B 166 -7.41 -18.25 1.89
CA ALA B 166 -7.59 -19.65 1.50
C ALA B 166 -8.73 -20.26 2.32
N ASP B 167 -9.57 -21.08 1.68
CA ASP B 167 -10.68 -21.80 2.29
C ASP B 167 -11.92 -20.93 2.56
N PHE B 168 -12.99 -21.21 1.80
CA PHE B 168 -14.26 -20.55 1.86
C PHE B 168 -15.38 -21.53 2.14
N GLY B 169 -15.10 -22.58 2.90
CA GLY B 169 -16.07 -23.62 3.23
C GLY B 169 -17.30 -23.16 3.99
N LEU B 170 -17.21 -22.09 4.76
CA LEU B 170 -18.38 -21.49 5.35
C LEU B 170 -18.90 -20.24 4.63
N ALA B 171 -18.33 -19.88 3.48
CA ALA B 171 -18.78 -18.69 2.73
C ALA B 171 -20.22 -18.85 2.18
N ILE B 172 -20.90 -17.71 2.07
CA ILE B 172 -22.28 -17.61 1.59
C ILE B 172 -22.36 -16.60 0.43
N GLU B 173 -23.39 -16.74 -0.39
CA GLU B 173 -23.77 -15.78 -1.42
C GLU B 173 -24.92 -14.95 -0.89
N VAL B 174 -24.83 -13.63 -1.04
CA VAL B 174 -25.81 -12.63 -0.65
C VAL B 174 -26.32 -11.90 -1.91
N GLU B 175 -27.50 -11.30 -1.77
CA GLU B 175 -28.16 -10.57 -2.85
C GLU B 175 -28.04 -9.07 -2.57
N GLY B 176 -27.18 -8.40 -3.31
CA GLY B 176 -26.92 -7.00 -3.07
C GLY B 176 -26.56 -6.72 -1.62
N GLU B 177 -27.25 -5.73 -1.05
CA GLU B 177 -27.06 -5.35 0.35
C GLU B 177 -28.11 -5.93 1.28
N GLN B 178 -28.90 -6.89 0.80
CA GLN B 178 -29.89 -7.55 1.64
C GLN B 178 -29.26 -8.45 2.73
N GLN B 179 -29.79 -8.33 3.95
CA GLN B 179 -29.40 -9.14 5.10
C GLN B 179 -30.34 -10.33 5.26
N ALA B 180 -29.85 -11.45 5.76
CA ALA B 180 -30.67 -12.63 6.02
C ALA B 180 -30.09 -13.46 7.11
N TRP B 181 -30.88 -14.41 7.59
CA TRP B 181 -30.40 -15.38 8.57
C TRP B 181 -29.90 -16.61 7.82
N PHE B 182 -28.57 -16.68 7.67
CA PHE B 182 -27.92 -17.73 6.89
C PHE B 182 -27.49 -18.91 7.73
N GLY B 183 -27.77 -18.85 9.03
CA GLY B 183 -27.40 -19.89 9.97
C GLY B 183 -26.36 -19.37 10.97
N PHE B 184 -26.24 -20.09 12.07
CA PHE B 184 -25.24 -19.85 13.08
C PHE B 184 -24.00 -20.64 12.64
N ALA B 185 -23.00 -19.92 12.16
CA ALA B 185 -21.77 -20.50 11.65
C ALA B 185 -20.65 -19.52 11.94
N GLY B 186 -19.46 -20.06 12.14
CA GLY B 186 -18.27 -19.24 12.46
C GLY B 186 -17.36 -19.93 13.45
N THR B 187 -16.37 -19.18 13.92
CA THR B 187 -15.42 -19.60 14.95
C THR B 187 -15.60 -18.66 16.14
N PRO B 188 -15.79 -19.22 17.35
CA PRO B 188 -16.20 -18.45 18.55
C PRO B 188 -15.57 -17.05 18.77
N GLY B 189 -14.24 -16.96 18.75
CA GLY B 189 -13.55 -15.69 19.00
C GLY B 189 -13.73 -14.60 17.97
N TYR B 190 -14.18 -14.99 16.75
CA TYR B 190 -14.30 -14.07 15.61
C TYR B 190 -15.76 -13.76 15.20
N LEU B 191 -16.72 -14.40 15.88
CA LEU B 191 -18.17 -14.24 15.66
C LEU B 191 -18.62 -12.85 15.97
N SER B 192 -19.48 -12.32 15.11
CA SER B 192 -19.94 -10.95 15.22
C SER B 192 -21.09 -10.90 16.20
N PRO B 193 -21.34 -9.73 16.81
CA PRO B 193 -22.50 -9.65 17.70
C PRO B 193 -23.84 -10.02 17.06
N GLU B 194 -24.04 -9.64 15.80
CA GLU B 194 -25.33 -9.85 15.12
C GLU B 194 -25.58 -11.34 14.89
N VAL B 195 -24.53 -12.08 14.55
CA VAL B 195 -24.68 -13.51 14.47
C VAL B 195 -25.05 -14.08 15.84
N LEU B 196 -24.47 -13.56 16.92
CA LEU B 196 -24.77 -14.09 18.26
C LEU B 196 -26.15 -13.65 18.75
N ARG B 197 -26.67 -12.52 18.27
CA ARG B 197 -28.01 -12.06 18.63
C ARG B 197 -29.07 -12.73 17.79
N LYS B 198 -28.66 -13.51 16.78
CA LYS B 198 -29.56 -14.18 15.85
C LYS B 198 -30.26 -13.20 14.91
N ASP B 199 -29.54 -12.15 14.54
CA ASP B 199 -30.11 -11.11 13.71
C ASP B 199 -29.78 -11.46 12.29
N PRO B 200 -30.63 -11.03 11.34
CA PRO B 200 -30.21 -11.12 9.94
C PRO B 200 -28.90 -10.36 9.71
N TYR B 201 -28.05 -10.90 8.86
CA TYR B 201 -26.71 -10.38 8.70
C TYR B 201 -26.21 -10.43 7.25
N GLY B 202 -25.04 -9.87 7.05
CA GLY B 202 -24.45 -9.87 5.74
C GLY B 202 -22.98 -9.50 5.82
N LYS B 203 -22.57 -8.59 4.95
CA LYS B 203 -21.17 -8.30 4.70
C LYS B 203 -20.42 -7.84 5.92
N PRO B 204 -21.10 -7.06 6.80
CA PRO B 204 -20.33 -6.57 7.94
C PRO B 204 -19.76 -7.64 8.87
N VAL B 205 -20.26 -8.87 8.85
CA VAL B 205 -19.70 -9.91 9.74
C VAL B 205 -18.18 -10.09 9.50
N ASP B 206 -17.77 -9.98 8.23
CA ASP B 206 -16.38 -10.10 7.85
C ASP B 206 -15.50 -8.90 8.35
N LEU B 207 -16.07 -7.72 8.46
CA LEU B 207 -15.34 -6.56 9.05
C LEU B 207 -15.17 -6.62 10.55
N TRP B 208 -16.08 -7.29 11.23
CA TRP B 208 -15.88 -7.56 12.64
C TRP B 208 -14.69 -8.49 12.79
N ALA B 209 -14.71 -9.62 12.09
CA ALA B 209 -13.59 -10.57 12.13
C ALA B 209 -12.23 -9.92 11.76
N CYS B 210 -12.22 -8.90 10.87
CA CYS B 210 -10.98 -8.20 10.49
C CYS B 210 -10.49 -7.32 11.60
N GLY B 211 -11.41 -6.80 12.41
CA GLY B 211 -11.08 -6.04 13.59
C GLY B 211 -10.40 -6.93 14.61
N VAL B 212 -10.88 -8.17 14.77
CA VAL B 212 -10.32 -9.13 15.72
C VAL B 212 -8.93 -9.53 15.25
N ILE B 213 -8.77 -9.83 13.96
CA ILE B 213 -7.48 -10.16 13.36
C ILE B 213 -6.48 -9.00 13.47
N LEU B 214 -6.92 -7.77 13.23
CA LEU B 214 -6.06 -6.60 13.30
C LEU B 214 -5.56 -6.41 14.70
N TYR B 215 -6.46 -6.52 15.66
CA TYR B 215 -6.12 -6.44 17.06
C TYR B 215 -5.02 -7.50 17.43
N ILE B 216 -5.21 -8.74 17.02
CA ILE B 216 -4.21 -9.79 17.30
C ILE B 216 -2.87 -9.50 16.59
N LEU B 217 -2.94 -8.90 15.41
CA LEU B 217 -1.73 -8.52 14.67
C LEU B 217 -0.89 -7.44 15.38
N LEU B 218 -1.51 -6.65 16.26
CA LEU B 218 -0.87 -5.52 16.88
C LEU B 218 -0.25 -5.85 18.22
N VAL B 219 -0.94 -6.67 19.01
CA VAL B 219 -0.48 -7.05 20.34
C VAL B 219 -0.32 -8.57 20.59
N GLY B 220 -0.74 -9.42 19.66
CA GLY B 220 -0.47 -10.87 19.80
C GLY B 220 -1.45 -11.70 20.61
N TYR B 221 -2.57 -11.11 21.01
CA TYR B 221 -3.60 -11.77 21.78
C TYR B 221 -4.95 -11.24 21.32
N PRO B 222 -6.02 -12.04 21.46
CA PRO B 222 -7.36 -11.68 20.97
C PRO B 222 -8.08 -10.69 21.88
N PRO B 223 -9.00 -9.88 21.32
CA PRO B 223 -9.77 -8.91 22.13
C PRO B 223 -10.81 -9.51 23.07
N PHE B 224 -11.34 -10.68 22.70
CA PHE B 224 -12.35 -11.40 23.44
C PHE B 224 -11.88 -12.85 23.65
N TRP B 225 -11.89 -13.26 24.91
CA TRP B 225 -11.48 -14.57 25.34
C TRP B 225 -12.13 -14.88 26.68
N ASP B 226 -12.65 -16.09 26.80
CA ASP B 226 -13.13 -16.61 28.07
C ASP B 226 -13.20 -18.12 27.98
N GLU B 227 -12.82 -18.80 29.07
CA GLU B 227 -12.92 -20.26 29.19
C GLU B 227 -14.36 -20.71 29.01
N ASP B 228 -15.31 -19.89 29.48
CA ASP B 228 -16.75 -20.15 29.38
C ASP B 228 -17.32 -19.48 28.13
N GLN B 229 -17.77 -20.30 27.20
CA GLN B 229 -18.21 -19.82 25.90
C GLN B 229 -19.41 -18.87 25.95
N HIS B 230 -20.25 -19.04 26.96
CA HIS B 230 -21.43 -18.19 27.13
C HIS B 230 -21.02 -16.79 27.56
N ARG B 231 -20.03 -16.72 28.45
CA ARG B 231 -19.42 -15.44 28.84
C ARG B 231 -18.67 -14.77 27.72
N LEU B 232 -17.97 -15.56 26.89
CA LEU B 232 -17.31 -15.03 25.71
C LEU B 232 -18.32 -14.30 24.84
N TYR B 233 -19.47 -14.92 24.60
CA TYR B 233 -20.47 -14.36 23.71
C TYR B 233 -21.09 -13.08 24.25
N GLN B 234 -21.28 -13.00 25.56
CA GLN B 234 -21.73 -11.77 26.20
C GLN B 234 -20.71 -10.64 26.06
N GLN B 235 -19.42 -10.96 26.17
CA GLN B 235 -18.34 -9.99 25.91
C GLN B 235 -18.40 -9.47 24.49
N ILE B 236 -18.57 -10.37 23.52
CA ILE B 236 -18.60 -9.98 22.12
C ILE B 236 -19.80 -9.07 21.88
N LYS B 237 -20.97 -9.52 22.30
CA LYS B 237 -22.21 -8.75 22.14
C LYS B 237 -22.19 -7.35 22.80
N ALA B 238 -21.42 -7.23 23.88
CA ALA B 238 -21.24 -5.98 24.61
C ALA B 238 -20.13 -5.11 24.01
N GLY B 239 -19.27 -5.69 23.17
CA GLY B 239 -18.13 -4.98 22.59
C GLY B 239 -17.11 -4.64 23.65
N ALA B 240 -16.96 -5.54 24.63
CA ALA B 240 -16.20 -5.29 25.84
C ALA B 240 -14.76 -5.76 25.67
N TYR B 241 -14.02 -5.05 24.83
CA TYR B 241 -12.57 -5.25 24.63
C TYR B 241 -11.92 -4.01 25.18
N ASP B 242 -10.61 -4.04 25.38
CA ASP B 242 -9.89 -2.87 25.91
C ASP B 242 -8.50 -2.77 25.27
N PHE B 243 -7.82 -1.65 25.51
CA PHE B 243 -6.45 -1.40 25.07
C PHE B 243 -5.55 -1.16 26.31
N PRO B 244 -5.20 -2.23 27.05
CA PRO B 244 -4.44 -2.08 28.28
C PRO B 244 -2.96 -1.68 28.10
N SER B 245 -2.49 -0.88 29.03
CA SER B 245 -1.07 -0.60 29.18
C SER B 245 -0.41 -1.85 29.81
N PRO B 246 0.90 -2.05 29.54
CA PRO B 246 1.87 -1.22 28.78
C PRO B 246 1.86 -1.32 27.26
N GLU B 247 1.32 -2.42 26.72
CA GLU B 247 1.57 -2.76 25.32
C GLU B 247 0.84 -1.89 24.30
N TRP B 248 -0.31 -1.32 24.70
CA TRP B 248 -1.09 -0.48 23.81
C TRP B 248 -0.61 1.00 23.87
N ASP B 249 0.31 1.31 24.76
CA ASP B 249 0.72 2.70 25.02
C ASP B 249 1.54 3.24 23.88
N THR B 250 2.27 2.35 23.22
CA THR B 250 3.06 2.65 22.05
C THR B 250 2.36 2.37 20.71
N VAL B 251 1.09 1.97 20.73
CA VAL B 251 0.33 1.82 19.48
C VAL B 251 -0.26 3.22 19.14
N THR B 252 -0.20 3.60 17.87
CA THR B 252 -0.73 4.89 17.42
C THR B 252 -2.24 4.96 17.63
N PRO B 253 -2.76 6.18 17.91
CA PRO B 253 -4.18 6.43 18.03
C PRO B 253 -4.98 6.04 16.80
N GLU B 254 -4.33 6.07 15.62
CA GLU B 254 -4.96 5.78 14.34
C GLU B 254 -5.16 4.30 14.15
N ALA B 255 -4.24 3.45 14.57
CA ALA B 255 -4.49 2.00 14.60
C ALA B 255 -5.67 1.68 15.51
N LYS B 256 -5.74 2.32 16.69
CA LYS B 256 -6.85 2.10 17.66
C LYS B 256 -8.19 2.56 17.11
N ASP B 257 -8.19 3.72 16.46
CA ASP B 257 -9.34 4.23 15.73
C ASP B 257 -9.84 3.22 14.67
N LEU B 258 -8.98 2.66 13.87
CA LEU B 258 -9.47 1.65 12.89
C LEU B 258 -10.07 0.39 13.52
N ILE B 259 -9.42 -0.15 14.54
CA ILE B 259 -9.98 -1.26 15.33
C ILE B 259 -11.36 -0.85 15.87
N ASN B 260 -11.46 0.33 16.49
CA ASN B 260 -12.76 0.76 17.03
C ASN B 260 -13.88 0.79 16.00
N LYS B 261 -13.57 1.37 14.85
CA LYS B 261 -14.48 1.40 13.70
C LYS B 261 -14.92 0.04 13.15
N MET B 262 -14.09 -0.96 13.31
CA MET B 262 -14.40 -2.32 12.88
C MET B 262 -15.12 -3.08 13.97
N LEU B 263 -14.74 -2.84 15.23
CA LEU B 263 -15.37 -3.56 16.34
C LEU B 263 -16.51 -2.71 16.91
N THR B 264 -17.40 -2.30 16.01
CA THR B 264 -18.58 -1.49 16.29
C THR B 264 -19.71 -2.51 16.30
N ILE B 265 -20.48 -2.51 17.39
CA ILE B 265 -21.53 -3.50 17.71
C ILE B 265 -22.71 -3.49 16.75
N ASN B 266 -23.00 -2.32 16.22
CA ASN B 266 -24.12 -2.13 15.32
C ASN B 266 -23.59 -2.23 13.91
N PRO B 267 -23.97 -3.30 13.18
CA PRO B 267 -23.35 -3.51 11.87
C PRO B 267 -23.66 -2.38 10.86
N SER B 268 -24.75 -1.68 11.04
CA SER B 268 -25.07 -0.56 10.15
C SER B 268 -24.09 0.60 10.32
N LYS B 269 -23.45 0.68 11.48
CA LYS B 269 -22.47 1.73 11.79
C LYS B 269 -21.02 1.25 11.64
N ARG B 270 -20.80 -0.03 11.36
CA ARG B 270 -19.45 -0.58 11.22
C ARG B 270 -18.81 -0.11 9.88
N ILE B 271 -17.51 0.19 9.91
CA ILE B 271 -16.75 0.56 8.74
C ILE B 271 -16.88 -0.56 7.67
N THR B 272 -17.02 -0.17 6.39
CA THR B 272 -16.98 -1.18 5.30
C THR B 272 -15.52 -1.44 4.82
N ALA B 273 -15.33 -2.45 3.99
CA ALA B 273 -13.97 -2.79 3.48
C ALA B 273 -13.42 -1.70 2.60
N ALA B 274 -14.26 -1.10 1.77
CA ALA B 274 -13.88 0.08 0.99
C ALA B 274 -13.46 1.25 1.85
N GLU B 275 -14.23 1.55 2.88
CA GLU B 275 -13.91 2.66 3.81
C GLU B 275 -12.66 2.37 4.66
N ALA B 276 -12.46 1.09 5.05
CA ALA B 276 -11.32 0.73 5.86
C ALA B 276 -10.02 0.93 5.06
N LEU B 277 -10.09 0.67 3.77
CA LEU B 277 -8.93 0.78 2.92
C LEU B 277 -8.49 2.25 2.71
N LYS B 278 -9.42 3.19 2.94
CA LYS B 278 -9.14 4.62 2.84
C LYS B 278 -8.73 5.20 4.19
N HIS B 279 -8.74 4.39 5.25
CA HIS B 279 -8.38 4.85 6.58
C HIS B 279 -6.90 5.22 6.55
N PRO B 280 -6.52 6.36 7.19
CA PRO B 280 -5.15 6.80 7.11
C PRO B 280 -4.10 5.79 7.57
N TRP B 281 -4.41 4.95 8.54
CA TRP B 281 -3.43 3.97 9.03
C TRP B 281 -3.08 2.96 7.93
N ILE B 282 -3.96 2.81 6.95
CA ILE B 282 -3.73 2.02 5.76
C ILE B 282 -3.24 2.87 4.57
N SER B 283 -4.02 3.88 4.17
CA SER B 283 -3.75 4.63 2.94
C SER B 283 -2.64 5.70 3.13
N HIS B 284 -2.44 6.17 4.37
CA HIS B 284 -1.33 7.04 4.69
C HIS B 284 -0.31 6.38 5.60
N ARG B 285 -0.11 5.07 5.42
CA ARG B 285 0.76 4.25 6.24
C ARG B 285 2.11 4.93 6.53
N SER B 286 2.72 5.53 5.50
CA SER B 286 4.09 6.05 5.60
C SER B 286 4.30 7.25 6.54
N THR B 287 3.22 7.97 6.84
CA THR B 287 3.28 9.04 7.84
C THR B 287 2.47 8.74 9.09
N VAL B 288 1.70 7.64 9.10
CA VAL B 288 0.77 7.36 10.20
C VAL B 288 1.14 6.14 11.07
N ALA B 289 1.50 5.02 10.45
CA ALA B 289 1.77 3.75 11.13
C ALA B 289 3.19 3.73 11.74
N SER B 290 3.31 3.28 12.98
CA SER B 290 4.59 3.31 13.67
C SER B 290 5.54 2.34 13.02
N CYS B 291 6.84 2.66 13.08
CA CYS B 291 7.91 1.85 12.50
C CYS B 291 8.71 1.05 13.53
N MET B 292 8.26 1.15 14.77
CA MET B 292 8.94 0.58 15.90
C MET B 292 8.69 -0.94 15.92
N HIS B 293 9.75 -1.71 16.11
CA HIS B 293 9.65 -3.16 16.29
C HIS B 293 8.89 -3.45 17.57
N ARG B 294 7.90 -4.35 17.49
CA ARG B 294 7.12 -4.80 18.63
C ARG B 294 7.48 -6.25 19.05
N GLN B 295 8.60 -6.42 19.78
CA GLN B 295 9.03 -7.74 20.20
C GLN B 295 7.98 -8.44 21.08
N GLU B 296 7.28 -7.69 21.92
CA GLU B 296 6.27 -8.30 22.80
C GLU B 296 5.11 -8.94 22.02
N THR B 297 4.73 -8.32 20.90
CA THR B 297 3.73 -8.88 19.99
C THR B 297 4.21 -10.20 19.42
N VAL B 298 5.45 -10.21 18.95
CA VAL B 298 6.09 -11.42 18.40
C VAL B 298 6.13 -12.55 19.44
N ASP B 299 6.45 -12.22 20.69
CA ASP B 299 6.50 -13.18 21.78
C ASP B 299 5.12 -13.74 22.19
N CYS B 300 4.12 -12.86 22.31
CA CYS B 300 2.75 -13.27 22.60
C CYS B 300 2.16 -14.10 21.43
N LEU B 301 2.47 -13.71 20.20
CA LEU B 301 1.92 -14.36 19.04
C LEU B 301 2.41 -15.82 18.97
N LYS B 302 3.66 -16.07 19.35
CA LYS B 302 4.19 -17.45 19.46
C LYS B 302 3.35 -18.38 20.32
N LYS B 303 2.94 -17.88 21.48
CA LYS B 303 2.07 -18.62 22.38
C LYS B 303 0.66 -18.78 21.83
N PHE B 304 0.15 -17.72 21.22
CA PHE B 304 -1.14 -17.74 20.52
C PHE B 304 -1.11 -18.81 19.44
N ASN B 305 -0.06 -18.79 18.63
CA ASN B 305 0.10 -19.76 17.57
C ASN B 305 0.13 -21.16 18.12
N ALA B 306 0.85 -21.37 19.22
CA ALA B 306 0.96 -22.69 19.83
C ALA B 306 -0.36 -23.18 20.43
N ARG B 307 -1.10 -22.30 21.12
CA ARG B 307 -2.39 -22.69 21.71
C ARG B 307 -3.36 -23.06 20.59
N ARG B 308 -3.26 -22.41 19.43
CA ARG B 308 -4.13 -22.76 18.26
C ARG B 308 -3.90 -24.15 17.70
N LYS B 309 -2.71 -24.70 17.87
CA LYS B 309 -2.32 -26.00 17.26
C LYS B 309 -2.51 -27.20 18.19
N LEU B 310 -2.78 -26.96 19.47
CA LEU B 310 -3.19 -28.02 20.42
C LEU B 310 -4.71 -28.27 20.32
N LYS B 311 -5.49 -27.18 20.33
CA LYS B 311 -6.96 -27.23 20.27
C LYS B 311 -7.47 -27.89 18.99
#